data_4E9J
#
_entry.id   4E9J
#
_cell.length_a   119.500
_cell.length_b   39.720
_cell.length_c   93.300
_cell.angle_alpha   90.00
_cell.angle_beta   99.84
_cell.angle_gamma   90.00
#
_symmetry.space_group_name_H-M   'C 1 2 1'
#
loop_
_entity.id
_entity.type
_entity.pdbx_description
1 polymer 'General secretion pathway protein D'
2 non-polymer 'MAGNESIUM ION'
3 water water
#
_entity_poly.entity_id   1
_entity_poly.type   'polypeptide(L)'
_entity_poly.pdbx_seq_one_letter_code
;SHMENSGGNAFVPAGNQQEAHWTINLKDADIREFIDQISEITGETFVVDPRVKGQVSVVSKAQLSLSEVYQLFLSVMSTH
GFTVVAQGDQARIVPNAEAKTEAGGGQSAPDRLETRVIQVQQSPVSELIPLIRPLVPQYGHLAAVPSANALIISDRSANI
ARIEDVIRQLDQKGSHDYSVINLRYGWVMDAAEVLNNAMSRGQAKGAAGAQVIADARTNRLIILGPPQARAKLVQLAQSL
DTPTAR
;
_entity_poly.pdbx_strand_id   A,B
#
loop_
_chem_comp.id
_chem_comp.type
_chem_comp.name
_chem_comp.formula
MG non-polymer 'MAGNESIUM ION' 'Mg 2'
#
# COMPACT_ATOMS: atom_id res chain seq x y z
N ALA A 10 0.81 -13.00 28.09
CA ALA A 10 0.75 -14.28 27.40
C ALA A 10 -0.52 -14.42 26.56
N PHE A 11 -0.51 -15.38 25.64
CA PHE A 11 -1.69 -15.70 24.82
C PHE A 11 -2.65 -16.49 25.71
N VAL A 12 -3.89 -16.03 25.85
CA VAL A 12 -4.87 -16.64 26.74
C VAL A 12 -5.91 -17.36 25.89
N PRO A 13 -6.12 -18.69 26.07
CA PRO A 13 -7.18 -19.37 25.31
C PRO A 13 -8.54 -18.65 25.36
N ALA A 14 -9.27 -18.63 24.24
CA ALA A 14 -10.57 -17.94 24.12
C ALA A 14 -11.60 -18.77 23.33
N ALA A 20 -9.13 -23.80 18.25
CA ALA A 20 -8.18 -23.16 19.15
C ALA A 20 -7.98 -21.69 18.77
N HIS A 21 -8.44 -20.77 19.63
CA HIS A 21 -8.31 -19.34 19.46
C HIS A 21 -7.69 -18.73 20.71
N TRP A 22 -7.11 -17.53 20.58
CA TRP A 22 -6.48 -16.82 21.71
C TRP A 22 -6.69 -15.34 21.64
N THR A 23 -6.48 -14.70 22.77
CA THR A 23 -6.46 -13.26 22.94
C THR A 23 -5.11 -12.94 23.55
N ILE A 24 -4.75 -11.67 23.61
CA ILE A 24 -3.45 -11.27 24.17
C ILE A 24 -3.52 -9.85 24.68
N ASN A 25 -2.81 -9.54 25.76
CA ASN A 25 -2.74 -8.17 26.29
C ASN A 25 -1.39 -8.02 26.99
N LEU A 26 -0.35 -7.90 26.16
CA LEU A 26 1.02 -7.80 26.61
C LEU A 26 1.40 -6.35 26.60
N LYS A 27 1.88 -5.82 27.74
CA LYS A 27 2.23 -4.41 27.88
C LYS A 27 3.66 -4.27 28.32
N ASP A 28 4.41 -3.40 27.62
CA ASP A 28 5.81 -3.04 27.88
C ASP A 28 6.73 -4.25 28.11
N ALA A 29 6.57 -5.26 27.27
CA ALA A 29 7.36 -6.48 27.37
C ALA A 29 8.54 -6.42 26.42
N ASP A 30 9.60 -7.11 26.75
CA ASP A 30 10.75 -7.20 25.87
C ASP A 30 10.27 -7.92 24.60
N ILE A 31 10.73 -7.48 23.42
CA ILE A 31 10.35 -8.13 22.16
C ILE A 31 10.72 -9.61 22.18
N ARG A 32 11.81 -9.96 22.89
CA ARG A 32 12.25 -11.36 23.02
C ARG A 32 11.25 -12.23 23.79
N GLU A 33 10.50 -11.65 24.73
CA GLU A 33 9.43 -12.37 25.45
C GLU A 33 8.29 -12.61 24.48
N PHE A 34 7.91 -11.58 23.71
CA PHE A 34 6.85 -11.74 22.72
C PHE A 34 7.19 -12.86 21.72
N ILE A 35 8.45 -12.92 21.27
CA ILE A 35 8.90 -13.98 20.33
C ILE A 35 8.76 -15.37 20.95
N ASP A 36 9.21 -15.53 22.22
CA ASP A 36 9.09 -16.78 22.99
C ASP A 36 7.62 -17.19 23.13
N GLN A 37 6.72 -16.25 23.42
CA GLN A 37 5.30 -16.58 23.52
C GLN A 37 4.76 -17.06 22.17
N ILE A 38 5.19 -16.43 21.06
CA ILE A 38 4.71 -16.86 19.74
C ILE A 38 5.22 -18.27 19.47
N SER A 39 6.43 -18.60 19.92
CA SER A 39 6.98 -19.95 19.75
C SER A 39 6.20 -20.96 20.57
N GLU A 40 5.80 -20.61 21.80
CA GLU A 40 5.02 -21.50 22.67
C GLU A 40 3.67 -21.84 22.06
N ILE A 41 3.01 -20.89 21.43
CA ILE A 41 1.70 -21.14 20.80
C ILE A 41 1.85 -21.80 19.44
N THR A 42 2.77 -21.33 18.60
CA THR A 42 2.88 -21.83 17.23
C THR A 42 3.73 -23.08 17.11
N GLY A 43 4.60 -23.30 18.10
CA GLY A 43 5.55 -24.38 18.05
C GLY A 43 6.72 -24.09 17.12
N GLU A 44 6.73 -22.92 16.47
CA GLU A 44 7.80 -22.53 15.57
C GLU A 44 8.97 -22.09 16.44
N THR A 45 10.18 -22.56 16.12
CA THR A 45 11.40 -22.19 16.85
C THR A 45 12.14 -21.13 16.03
N PHE A 46 12.57 -20.03 16.68
CA PHE A 46 13.29 -18.95 16.03
C PHE A 46 14.66 -18.75 16.70
N VAL A 47 15.68 -18.37 15.94
CA VAL A 47 16.98 -17.93 16.50
C VAL A 47 16.88 -16.41 16.38
N VAL A 48 17.06 -15.67 17.47
CA VAL A 48 16.91 -14.22 17.45
C VAL A 48 18.30 -13.59 17.32
N ASP A 49 18.57 -12.86 16.20
CA ASP A 49 19.88 -12.21 15.98
C ASP A 49 20.23 -11.34 17.21
N PRO A 50 21.51 -11.32 17.66
CA PRO A 50 21.87 -10.51 18.84
C PRO A 50 21.40 -9.06 18.84
N ARG A 51 21.28 -8.43 17.66
CA ARG A 51 20.86 -7.03 17.51
C ARG A 51 19.36 -6.80 17.69
N VAL A 52 18.50 -7.87 17.74
CA VAL A 52 17.05 -7.71 17.90
C VAL A 52 16.77 -7.26 19.34
N LYS A 53 16.20 -6.06 19.49
CA LYS A 53 15.94 -5.45 20.79
C LYS A 53 14.71 -4.56 20.71
N GLY A 54 14.18 -4.16 21.85
CA GLY A 54 13.01 -3.29 21.92
C GLY A 54 11.95 -3.75 22.90
N GLN A 55 11.07 -2.81 23.24
CA GLN A 55 9.92 -2.99 24.13
C GLN A 55 8.65 -2.98 23.26
N VAL A 56 7.75 -3.93 23.50
CA VAL A 56 6.50 -4.04 22.76
C VAL A 56 5.29 -4.13 23.65
N SER A 57 4.18 -3.61 23.14
CA SER A 57 2.86 -3.75 23.74
C SER A 57 1.99 -4.33 22.62
N VAL A 58 1.39 -5.51 22.85
CA VAL A 58 0.61 -6.23 21.85
C VAL A 58 -0.72 -6.58 22.47
N VAL A 59 -1.80 -6.17 21.80
CA VAL A 59 -3.15 -6.31 22.33
C VAL A 59 -4.14 -6.78 21.28
N SER A 60 -4.91 -7.83 21.63
CA SER A 60 -6.02 -8.32 20.82
C SER A 60 -7.11 -8.78 21.76
N LYS A 61 -8.23 -8.04 21.81
CA LYS A 61 -9.41 -8.39 22.59
C LYS A 61 -10.24 -9.38 21.75
N ALA A 62 -10.08 -9.33 20.41
CA ALA A 62 -10.68 -10.28 19.48
C ALA A 62 -9.94 -11.60 19.56
N GLN A 63 -10.65 -12.70 19.38
CA GLN A 63 -10.00 -14.00 19.45
C GLN A 63 -9.37 -14.29 18.11
N LEU A 64 -8.14 -14.77 18.13
CA LEU A 64 -7.38 -15.06 16.93
C LEU A 64 -7.08 -16.53 16.80
N SER A 65 -7.17 -17.06 15.59
CA SER A 65 -6.78 -18.43 15.28
C SER A 65 -5.26 -18.49 15.23
N LEU A 66 -4.71 -19.69 15.09
CA LEU A 66 -3.26 -19.91 15.04
C LEU A 66 -2.61 -19.10 13.90
N SER A 67 -3.24 -19.15 12.70
CA SER A 67 -2.75 -18.44 11.52
C SER A 67 -2.84 -16.92 11.72
N GLU A 68 -3.88 -16.43 12.40
CA GLU A 68 -4.01 -15.01 12.68
C GLU A 68 -3.02 -14.53 13.75
N VAL A 69 -2.63 -15.39 14.71
CA VAL A 69 -1.59 -15.07 15.70
C VAL A 69 -0.25 -14.89 14.95
N TYR A 70 0.01 -15.73 13.95
CA TYR A 70 1.22 -15.63 13.15
C TYR A 70 1.23 -14.33 12.34
N GLN A 71 0.07 -13.91 11.78
CA GLN A 71 -0.02 -12.62 11.07
C GLN A 71 0.29 -11.46 12.04
N LEU A 72 -0.25 -11.51 13.27
CA LEU A 72 0.00 -10.50 14.28
C LEU A 72 1.52 -10.45 14.62
N PHE A 73 2.15 -11.61 14.75
CA PHE A 73 3.60 -11.72 14.98
C PHE A 73 4.39 -11.00 13.88
N LEU A 74 4.03 -11.22 12.59
CA LEU A 74 4.72 -10.57 11.47
C LEU A 74 4.54 -9.05 11.50
N SER A 75 3.35 -8.58 11.88
CA SER A 75 3.05 -7.16 12.01
C SER A 75 3.88 -6.54 13.11
N VAL A 76 4.05 -7.25 14.24
CA VAL A 76 4.88 -6.74 15.35
C VAL A 76 6.33 -6.68 14.92
N MET A 77 6.84 -7.70 14.25
CA MET A 77 8.23 -7.72 13.80
C MET A 77 8.46 -6.55 12.82
N SER A 78 7.61 -6.44 11.78
CA SER A 78 7.67 -5.35 10.82
C SER A 78 7.55 -3.98 11.48
N THR A 79 6.68 -3.84 12.52
CA THR A 79 6.55 -2.55 13.23
C THR A 79 7.88 -2.08 13.81
N HIS A 80 8.71 -3.00 14.33
CA HIS A 80 9.97 -2.67 14.98
C HIS A 80 11.21 -2.88 14.10
N GLY A 81 11.01 -3.06 12.80
CA GLY A 81 12.09 -3.17 11.84
C GLY A 81 12.80 -4.50 11.78
N PHE A 82 12.07 -5.61 12.01
CA PHE A 82 12.64 -6.95 11.94
C PHE A 82 11.92 -7.78 10.87
N THR A 83 12.57 -8.87 10.43
CA THR A 83 12.02 -9.82 9.48
C THR A 83 12.52 -11.23 9.77
N VAL A 84 11.78 -12.26 9.35
CA VAL A 84 12.13 -13.65 9.54
C VAL A 84 12.77 -14.19 8.26
N VAL A 85 13.97 -14.77 8.37
CA VAL A 85 14.73 -15.32 7.25
C VAL A 85 15.12 -16.74 7.56
N ALA A 86 15.55 -17.51 6.53
CA ALA A 86 16.06 -18.88 6.70
C ALA A 86 17.60 -18.78 6.64
N GLN A 87 18.30 -19.10 7.72
CA GLN A 87 19.78 -19.00 7.75
C GLN A 87 20.36 -20.15 8.60
N GLY A 88 21.11 -21.04 7.96
CA GLY A 88 21.74 -22.18 8.62
C GLY A 88 20.78 -23.21 9.19
N ASP A 89 19.90 -23.76 8.32
CA ASP A 89 18.89 -24.77 8.65
C ASP A 89 17.88 -24.36 9.75
N GLN A 90 17.64 -23.04 9.97
CA GLN A 90 16.69 -22.56 10.99
C GLN A 90 16.12 -21.17 10.70
N ALA A 91 14.98 -20.84 11.30
CA ALA A 91 14.32 -19.54 11.14
C ALA A 91 15.03 -18.50 12.02
N ARG A 92 15.41 -17.38 11.43
CA ARG A 92 16.11 -16.32 12.12
C ARG A 92 15.38 -15.01 11.96
N ILE A 93 15.22 -14.31 13.08
CA ILE A 93 14.61 -12.99 13.17
C ILE A 93 15.81 -12.04 13.12
N VAL A 94 15.80 -11.10 12.15
CA VAL A 94 16.93 -10.21 11.87
C VAL A 94 16.50 -8.75 11.64
N PRO A 95 17.36 -7.74 11.93
CA PRO A 95 16.98 -6.36 11.60
C PRO A 95 16.88 -6.17 10.08
N ASN A 96 15.85 -5.45 9.65
CA ASN A 96 15.59 -5.18 8.25
C ASN A 96 16.33 -3.89 7.89
N ALA A 97 16.63 -3.70 6.61
CA ALA A 97 17.32 -2.50 6.11
C ALA A 97 16.34 -1.33 6.09
N ALA A 109 11.39 6.82 15.36
CA ALA A 109 10.09 6.39 15.89
C ALA A 109 10.04 6.54 17.42
N PRO A 110 8.88 6.87 18.03
CA PRO A 110 8.85 6.96 19.50
C PRO A 110 9.17 5.64 20.22
N ASP A 111 9.68 5.76 21.45
CA ASP A 111 10.12 4.63 22.27
C ASP A 111 9.00 3.63 22.66
N ARG A 112 7.74 4.09 22.74
CA ARG A 112 6.61 3.26 23.15
C ARG A 112 5.58 3.12 22.03
N LEU A 113 5.58 1.94 21.34
CA LEU A 113 4.63 1.63 20.27
C LEU A 113 3.75 0.46 20.67
N GLU A 114 2.43 0.59 20.49
CA GLU A 114 1.52 -0.52 20.76
C GLU A 114 1.04 -1.05 19.41
N THR A 115 0.97 -2.40 19.26
CA THR A 115 0.42 -3.08 18.10
C THR A 115 -0.95 -3.65 18.54
N ARG A 116 -2.06 -3.04 18.06
CA ARG A 116 -3.40 -3.42 18.46
C ARG A 116 -4.21 -4.00 17.29
N VAL A 117 -4.98 -5.08 17.53
CA VAL A 117 -5.90 -5.66 16.54
C VAL A 117 -7.26 -5.03 16.82
N ILE A 118 -7.90 -4.47 15.80
CA ILE A 118 -9.20 -3.79 15.90
C ILE A 118 -10.15 -4.60 15.06
N GLN A 119 -11.14 -5.25 15.67
CA GLN A 119 -12.12 -5.99 14.88
C GLN A 119 -13.14 -4.98 14.36
N VAL A 120 -13.57 -5.15 13.11
CA VAL A 120 -14.57 -4.31 12.43
C VAL A 120 -15.82 -5.17 12.32
N GLN A 121 -16.97 -4.61 12.70
CA GLN A 121 -18.24 -5.35 12.75
C GLN A 121 -19.02 -5.45 11.45
N GLN A 122 -19.42 -4.31 10.85
CA GLN A 122 -20.34 -4.24 9.70
C GLN A 122 -19.71 -4.15 8.34
N SER A 123 -18.57 -3.44 8.21
CA SER A 123 -17.96 -3.23 6.91
C SER A 123 -16.76 -4.13 6.66
N PRO A 124 -16.54 -4.53 5.37
CA PRO A 124 -15.34 -5.31 5.02
C PRO A 124 -14.12 -4.43 5.35
N VAL A 125 -13.10 -4.98 6.05
CA VAL A 125 -11.95 -4.17 6.49
C VAL A 125 -11.21 -3.52 5.37
N SER A 126 -11.04 -4.19 4.22
CA SER A 126 -10.33 -3.64 3.06
C SER A 126 -10.89 -2.30 2.61
N GLU A 127 -12.19 -2.07 2.75
CA GLU A 127 -12.80 -0.80 2.34
C GLU A 127 -12.48 0.36 3.29
N LEU A 128 -12.12 0.11 4.57
CA LEU A 128 -11.80 1.17 5.51
C LEU A 128 -10.33 1.57 5.43
N ILE A 129 -9.43 0.65 5.00
CA ILE A 129 -7.96 0.88 4.92
C ILE A 129 -7.58 2.23 4.26
N PRO A 130 -8.04 2.55 3.03
CA PRO A 130 -7.64 3.85 2.44
C PRO A 130 -8.19 5.07 3.20
N LEU A 131 -9.26 4.87 4.00
CA LEU A 131 -9.85 5.97 4.75
C LEU A 131 -9.12 6.20 6.09
N ILE A 132 -8.41 5.20 6.60
CA ILE A 132 -7.70 5.35 7.86
C ILE A 132 -6.20 5.53 7.66
N ARG A 133 -5.65 5.15 6.50
CA ARG A 133 -4.22 5.35 6.24
C ARG A 133 -3.74 6.80 6.46
N PRO A 134 -4.49 7.89 6.13
CA PRO A 134 -3.96 9.23 6.46
C PRO A 134 -3.68 9.46 7.95
N LEU A 135 -4.23 8.61 8.80
CA LEU A 135 -4.08 8.76 10.23
C LEU A 135 -2.95 7.95 10.79
N VAL A 136 -2.37 7.00 10.04
CA VAL A 136 -1.28 6.19 10.56
C VAL A 136 0.02 6.88 10.17
N PRO A 137 0.85 7.30 11.15
CA PRO A 137 2.12 7.94 10.81
C PRO A 137 3.11 6.97 10.16
N GLN A 138 4.15 7.53 9.51
CA GLN A 138 5.19 6.75 8.81
C GLN A 138 5.91 5.75 9.70
N TYR A 139 6.10 6.00 11.01
CA TYR A 139 6.71 4.97 11.89
C TYR A 139 5.73 3.85 12.17
N GLY A 140 4.43 4.10 12.00
CA GLY A 140 3.44 3.12 12.35
C GLY A 140 3.29 1.99 11.35
N HIS A 141 2.27 1.18 11.59
CA HIS A 141 2.00 0.02 10.77
C HIS A 141 0.51 -0.14 10.63
N LEU A 142 0.07 -0.59 9.47
CA LEU A 142 -1.33 -0.87 9.25
C LEU A 142 -1.41 -2.07 8.33
N ALA A 143 -2.10 -3.13 8.79
CA ALA A 143 -2.29 -4.37 8.01
C ALA A 143 -3.70 -4.90 8.21
N ALA A 144 -4.23 -5.60 7.19
CA ALA A 144 -5.54 -6.24 7.25
C ALA A 144 -5.40 -7.70 7.68
N VAL A 145 -6.40 -8.21 8.42
CA VAL A 145 -6.53 -9.62 8.80
C VAL A 145 -7.93 -10.00 8.29
N PRO A 146 -8.08 -10.23 6.97
CA PRO A 146 -9.43 -10.49 6.41
C PRO A 146 -10.21 -11.66 6.99
N SER A 147 -9.55 -12.73 7.48
CA SER A 147 -10.23 -13.88 8.06
C SER A 147 -10.94 -13.57 9.38
N ALA A 148 -10.45 -12.57 10.13
CA ALA A 148 -11.07 -12.13 11.39
C ALA A 148 -11.81 -10.79 11.21
N ASN A 149 -11.80 -10.23 9.97
CA ASN A 149 -12.33 -8.92 9.62
C ASN A 149 -11.81 -7.86 10.61
N ALA A 150 -10.48 -7.90 10.78
CA ALA A 150 -9.78 -7.04 11.71
C ALA A 150 -8.64 -6.30 11.03
N LEU A 151 -8.23 -5.22 11.66
CA LEU A 151 -7.10 -4.37 11.25
C LEU A 151 -6.03 -4.51 12.32
N ILE A 152 -4.75 -4.51 11.95
CA ILE A 152 -3.65 -4.46 12.90
C ILE A 152 -3.06 -3.08 12.73
N ILE A 153 -3.04 -2.27 13.80
CA ILE A 153 -2.45 -0.92 13.78
C ILE A 153 -1.31 -0.82 14.81
N SER A 154 -0.20 -0.18 14.46
CA SER A 154 0.88 0.12 15.38
C SER A 154 1.03 1.63 15.54
N ASP A 155 0.96 2.14 16.78
CA ASP A 155 1.09 3.57 17.11
C ASP A 155 1.16 3.76 18.64
N ARG A 156 1.22 5.03 19.12
CA ARG A 156 1.18 5.30 20.57
C ARG A 156 -0.26 5.00 21.04
N SER A 157 -0.43 4.38 22.23
CA SER A 157 -1.75 4.00 22.79
C SER A 157 -2.85 5.06 22.70
N ALA A 158 -2.51 6.34 22.88
CA ALA A 158 -3.50 7.42 22.76
C ALA A 158 -3.91 7.66 21.31
N ASN A 159 -2.98 7.44 20.38
CA ASN A 159 -3.27 7.59 18.95
C ASN A 159 -4.15 6.44 18.45
N ILE A 160 -3.91 5.21 18.95
CA ILE A 160 -4.70 4.05 18.53
C ILE A 160 -6.16 4.23 18.98
N ALA A 161 -6.41 4.71 20.21
CA ALA A 161 -7.76 4.95 20.72
C ALA A 161 -8.51 5.93 19.81
N ARG A 162 -7.82 6.98 19.32
CA ARG A 162 -8.42 7.98 18.43
C ARG A 162 -8.81 7.33 17.10
N ILE A 163 -7.93 6.47 16.54
CA ILE A 163 -8.23 5.76 15.29
C ILE A 163 -9.39 4.76 15.49
N GLU A 164 -9.42 4.08 16.63
CA GLU A 164 -10.51 3.16 16.93
C GLU A 164 -11.90 3.87 16.90
N ASP A 165 -12.02 5.15 17.36
CA ASP A 165 -13.27 5.92 17.26
C ASP A 165 -13.62 6.25 15.82
N VAL A 166 -12.63 6.53 14.97
CA VAL A 166 -12.84 6.86 13.54
C VAL A 166 -13.36 5.61 12.84
N ILE A 167 -12.78 4.46 13.13
CA ILE A 167 -13.23 3.17 12.57
C ILE A 167 -14.68 2.91 12.98
N ARG A 168 -15.01 3.09 14.28
CA ARG A 168 -16.38 2.87 14.76
C ARG A 168 -17.39 3.76 14.03
N GLN A 169 -17.01 5.00 13.74
CA GLN A 169 -17.92 5.91 13.05
C GLN A 169 -18.02 5.55 11.57
N LEU A 170 -16.86 5.26 10.91
CA LEU A 170 -16.84 4.90 9.48
C LEU A 170 -17.58 3.59 9.25
N ASP A 171 -17.41 2.62 10.15
CA ASP A 171 -18.08 1.31 10.08
C ASP A 171 -19.62 1.36 10.06
N GLN A 172 -20.22 2.42 10.61
CA GLN A 172 -21.68 2.59 10.62
C GLN A 172 -22.19 3.08 9.26
N LYS A 173 -21.33 3.63 8.39
CA LYS A 173 -21.72 4.12 7.06
C LYS A 173 -21.95 2.97 6.10
N GLY A 174 -22.93 3.11 5.21
CA GLY A 174 -23.31 2.07 4.25
C GLY A 174 -22.41 1.95 3.03
N SER A 175 -21.75 3.05 2.64
CA SER A 175 -20.88 3.08 1.46
C SER A 175 -19.54 3.65 1.87
N HIS A 176 -18.47 3.15 1.25
CA HIS A 176 -17.11 3.64 1.47
C HIS A 176 -16.46 4.04 0.17
N ASP A 177 -17.28 4.48 -0.80
CA ASP A 177 -16.80 5.00 -2.10
C ASP A 177 -16.28 6.39 -1.78
N TYR A 178 -15.33 6.88 -2.52
CA TYR A 178 -14.78 8.18 -2.19
C TYR A 178 -14.20 8.88 -3.39
N SER A 179 -14.06 10.24 -3.30
CA SER A 179 -13.38 11.10 -4.27
C SER A 179 -12.17 11.75 -3.59
N VAL A 180 -11.09 11.90 -4.34
CA VAL A 180 -9.85 12.51 -3.88
C VAL A 180 -9.59 13.82 -4.63
N ILE A 181 -9.26 14.89 -3.87
CA ILE A 181 -8.93 16.22 -4.41
C ILE A 181 -7.57 16.63 -3.90
N ASN A 182 -6.61 16.80 -4.80
CA ASN A 182 -5.25 17.24 -4.49
C ASN A 182 -5.29 18.75 -4.53
N LEU A 183 -5.18 19.41 -3.39
CA LEU A 183 -5.29 20.86 -3.35
C LEU A 183 -4.02 21.52 -3.86
N ARG A 184 -4.12 22.33 -4.93
CA ARG A 184 -2.94 23.01 -5.49
C ARG A 184 -2.59 24.32 -4.76
N TYR A 185 -3.58 25.09 -4.31
CA TYR A 185 -3.37 26.40 -3.69
C TYR A 185 -3.67 26.45 -2.19
N GLY A 186 -4.76 25.83 -1.78
CA GLY A 186 -5.20 25.85 -0.39
C GLY A 186 -4.40 24.94 0.51
N TRP A 187 -4.45 25.28 1.80
CA TRP A 187 -3.85 24.51 2.87
C TRP A 187 -4.94 23.52 3.31
N VAL A 188 -4.63 22.21 3.27
CA VAL A 188 -5.53 21.08 3.61
C VAL A 188 -6.45 21.21 4.83
N MET A 189 -5.91 21.68 5.95
CA MET A 189 -6.62 21.80 7.22
C MET A 189 -7.63 22.93 7.18
N ASP A 190 -7.34 24.00 6.43
CA ASP A 190 -8.30 25.09 6.31
C ASP A 190 -9.48 24.62 5.49
N ALA A 191 -9.21 23.96 4.35
CA ALA A 191 -10.29 23.49 3.47
C ALA A 191 -11.21 22.54 4.22
N ALA A 192 -10.63 21.59 4.98
CA ALA A 192 -11.45 20.63 5.73
C ALA A 192 -12.35 21.32 6.75
N GLU A 193 -11.80 22.29 7.50
CA GLU A 193 -12.56 23.06 8.50
C GLU A 193 -13.70 23.87 7.87
N VAL A 194 -13.46 24.52 6.73
CA VAL A 194 -14.51 25.29 6.03
C VAL A 194 -15.64 24.35 5.56
N LEU A 195 -15.27 23.22 4.98
CA LEU A 195 -16.25 22.26 4.49
C LEU A 195 -17.07 21.65 5.61
N ASN A 196 -16.41 21.28 6.72
CA ASN A 196 -17.11 20.74 7.89
C ASN A 196 -18.03 21.78 8.52
N ASN A 197 -17.53 23.02 8.69
CA ASN A 197 -18.34 24.12 9.24
C ASN A 197 -19.56 24.36 8.37
N ALA A 198 -19.40 24.50 7.05
CA ALA A 198 -20.54 24.70 6.13
C ALA A 198 -21.57 23.56 6.22
N MET A 199 -21.12 22.30 6.34
CA MET A 199 -22.05 21.17 6.47
C MET A 199 -22.76 21.20 7.82
N SER A 200 -22.04 21.45 8.93
CA SER A 200 -22.65 21.55 10.26
C SER A 200 -23.62 22.74 10.41
N ARG A 201 -23.36 23.88 9.74
CA ARG A 201 -24.23 25.07 9.82
C ARG A 201 -25.40 25.06 8.81
N GLY A 202 -25.42 24.10 7.87
CA GLY A 202 -26.45 24.02 6.84
C GLY A 202 -26.19 24.81 5.57
N GLN A 203 -24.99 25.38 5.42
CA GLN A 203 -24.63 26.22 4.27
C GLN A 203 -24.19 25.44 3.01
N ALA A 204 -23.89 24.13 3.09
CA ALA A 204 -23.46 23.36 1.91
C ALA A 204 -24.64 22.63 1.25
N LYS A 205 -25.64 23.40 0.75
CA LYS A 205 -26.88 22.86 0.14
C LYS A 205 -26.56 21.78 -0.87
N GLY A 206 -27.20 20.63 -0.73
CA GLY A 206 -26.97 19.49 -1.61
C GLY A 206 -25.90 18.52 -1.14
N ALA A 207 -24.89 18.96 -0.36
CA ALA A 207 -23.79 18.12 0.14
C ALA A 207 -24.04 17.48 1.53
N ALA A 208 -25.17 17.79 2.20
CA ALA A 208 -25.51 17.23 3.52
C ALA A 208 -25.49 15.70 3.45
N GLY A 209 -24.82 15.08 4.40
CA GLY A 209 -24.65 13.63 4.41
C GLY A 209 -23.24 13.25 3.98
N ALA A 210 -22.53 14.12 3.23
CA ALA A 210 -21.17 13.84 2.82
C ALA A 210 -20.20 14.12 3.98
N GLN A 211 -18.96 13.65 3.89
CA GLN A 211 -17.96 13.76 4.97
C GLN A 211 -16.59 13.99 4.33
N VAL A 212 -15.66 14.68 5.06
CA VAL A 212 -14.30 15.02 4.58
C VAL A 212 -13.30 14.34 5.47
N ILE A 213 -12.20 13.79 4.91
CA ILE A 213 -11.04 13.30 5.65
C ILE A 213 -9.85 14.07 5.07
N ALA A 214 -9.13 14.79 5.93
CA ALA A 214 -7.95 15.53 5.56
C ALA A 214 -6.78 14.54 5.41
N ASP A 215 -5.94 14.67 4.40
CA ASP A 215 -4.73 13.84 4.25
C ASP A 215 -3.61 14.81 4.03
N ALA A 216 -3.07 15.28 5.13
CA ALA A 216 -2.06 16.29 5.10
C ALA A 216 -0.82 15.89 4.37
N ARG A 217 -0.29 14.66 4.58
CA ARG A 217 0.97 14.25 3.94
C ARG A 217 1.06 14.65 2.50
N THR A 218 -0.04 14.57 1.73
CA THR A 218 -0.05 14.92 0.31
C THR A 218 -0.95 16.10 -0.02
N ASN A 219 -1.39 16.84 1.02
CA ASN A 219 -2.21 18.02 0.87
C ASN A 219 -3.44 17.74 0.02
N ARG A 220 -4.17 16.69 0.39
CA ARG A 220 -5.37 16.28 -0.35
C ARG A 220 -6.56 15.95 0.58
N LEU A 221 -7.78 16.05 0.02
CA LEU A 221 -9.01 15.76 0.72
C LEU A 221 -9.57 14.47 0.19
N ILE A 222 -10.14 13.67 1.09
CA ILE A 222 -10.86 12.45 0.73
C ILE A 222 -12.31 12.73 1.09
N ILE A 223 -13.20 12.72 0.11
CA ILE A 223 -14.61 13.04 0.31
C ILE A 223 -15.43 11.74 0.22
N LEU A 224 -16.27 11.51 1.23
CA LEU A 224 -17.14 10.34 1.31
C LEU A 224 -18.57 10.77 1.43
N GLY A 225 -19.45 9.82 1.20
CA GLY A 225 -20.89 10.01 1.34
C GLY A 225 -21.70 9.32 0.27
N PRO A 226 -23.03 9.47 0.33
CA PRO A 226 -23.87 8.92 -0.75
C PRO A 226 -23.56 9.63 -2.08
N PRO A 227 -23.77 8.94 -3.22
CA PRO A 227 -23.29 9.48 -4.50
C PRO A 227 -23.57 10.93 -4.87
N GLN A 228 -24.82 11.38 -4.79
CA GLN A 228 -25.14 12.77 -5.18
C GLN A 228 -24.56 13.79 -4.21
N ALA A 229 -24.65 13.52 -2.90
CA ALA A 229 -24.09 14.46 -1.88
C ALA A 229 -22.58 14.53 -2.00
N ARG A 230 -21.92 13.40 -2.20
CA ARG A 230 -20.47 13.34 -2.42
C ARG A 230 -20.10 14.12 -3.70
N ALA A 231 -20.92 13.98 -4.75
CA ALA A 231 -20.67 14.73 -5.97
C ALA A 231 -20.78 16.25 -5.73
N LYS A 232 -21.71 16.67 -4.84
CA LYS A 232 -21.85 18.09 -4.54
C LYS A 232 -20.71 18.60 -3.65
N LEU A 233 -20.29 17.82 -2.64
CA LEU A 233 -19.19 18.27 -1.77
C LEU A 233 -17.88 18.38 -2.55
N VAL A 234 -17.70 17.51 -3.57
CA VAL A 234 -16.52 17.58 -4.46
C VAL A 234 -16.52 18.94 -5.20
N GLN A 235 -17.69 19.38 -5.71
CA GLN A 235 -17.81 20.67 -6.39
C GLN A 235 -17.49 21.81 -5.44
N LEU A 236 -18.07 21.78 -4.21
CA LEU A 236 -17.84 22.78 -3.16
C LEU A 236 -16.36 22.85 -2.78
N ALA A 237 -15.69 21.68 -2.62
CA ALA A 237 -14.25 21.61 -2.32
C ALA A 237 -13.41 22.26 -3.41
N GLN A 238 -13.81 22.10 -4.67
CA GLN A 238 -13.07 22.73 -5.75
C GLN A 238 -13.13 24.26 -5.70
N SER A 239 -14.24 24.85 -5.19
CA SER A 239 -14.34 26.31 -5.03
C SER A 239 -13.41 26.89 -3.95
N LEU A 240 -12.94 26.06 -2.99
CA LEU A 240 -12.00 26.53 -1.95
C LEU A 240 -10.56 26.50 -2.43
N ASP A 241 -10.28 25.79 -3.52
CA ASP A 241 -8.95 25.72 -4.11
C ASP A 241 -8.86 26.54 -5.40
N THR A 242 -9.53 27.72 -5.43
CA THR A 242 -9.58 28.63 -6.57
C THR A 242 -8.50 29.69 -6.42
N ALA B 20 29.48 6.77 -13.02
CA ALA B 20 28.54 7.55 -12.33
C ALA B 20 27.18 6.94 -12.67
N HIS B 21 26.83 6.70 -13.94
CA HIS B 21 25.49 6.14 -14.13
C HIS B 21 25.61 4.88 -14.96
N TRP B 22 24.63 3.95 -14.79
CA TRP B 22 24.55 2.65 -15.46
C TRP B 22 23.17 2.35 -16.00
N THR B 23 23.16 1.54 -17.08
CA THR B 23 21.96 0.94 -17.64
C THR B 23 22.19 -0.56 -17.51
N ILE B 24 21.15 -1.35 -17.73
CA ILE B 24 21.30 -2.80 -17.64
C ILE B 24 20.30 -3.49 -18.50
N ASN B 25 20.74 -4.62 -19.04
CA ASN B 25 19.95 -5.49 -19.88
C ASN B 25 20.48 -6.90 -19.61
N LEU B 26 19.94 -7.53 -18.58
CA LEU B 26 20.31 -8.88 -18.19
C LEU B 26 19.11 -9.76 -18.46
N LYS B 27 19.27 -10.81 -19.27
CA LYS B 27 18.20 -11.69 -19.72
C LYS B 27 18.37 -13.15 -19.28
N ASP B 28 17.39 -13.76 -18.57
CA ASP B 28 17.44 -15.16 -18.16
C ASP B 28 18.79 -15.54 -17.54
N ALA B 29 19.31 -14.67 -16.66
CA ALA B 29 20.58 -14.90 -16.01
C ALA B 29 20.38 -15.49 -14.63
N ASP B 30 21.36 -16.26 -14.17
CA ASP B 30 21.32 -16.82 -12.83
C ASP B 30 21.30 -15.61 -11.86
N ILE B 31 20.52 -15.71 -10.78
CA ILE B 31 20.48 -14.64 -9.79
C ILE B 31 21.87 -14.37 -9.22
N ARG B 32 22.71 -15.42 -9.13
CA ARG B 32 24.08 -15.26 -8.64
C ARG B 32 24.97 -14.40 -9.56
N GLU B 33 24.69 -14.38 -10.87
CA GLU B 33 25.38 -13.51 -11.82
C GLU B 33 24.93 -12.08 -11.57
N PHE B 34 23.63 -11.88 -11.41
CA PHE B 34 23.13 -10.54 -11.11
C PHE B 34 23.75 -9.99 -9.82
N ILE B 35 23.90 -10.82 -8.76
CA ILE B 35 24.53 -10.40 -7.50
C ILE B 35 26.00 -9.97 -7.73
N ASP B 36 26.76 -10.78 -8.49
CA ASP B 36 28.16 -10.47 -8.86
C ASP B 36 28.24 -9.16 -9.65
N GLN B 37 27.28 -8.94 -10.58
CA GLN B 37 27.27 -7.69 -11.39
C GLN B 37 26.95 -6.48 -10.51
N ILE B 38 26.14 -6.66 -9.45
CA ILE B 38 25.86 -5.56 -8.49
C ILE B 38 27.10 -5.29 -7.66
N SER B 39 27.87 -6.34 -7.32
CA SER B 39 29.11 -6.15 -6.58
C SER B 39 30.13 -5.39 -7.42
N GLU B 40 30.25 -5.73 -8.71
CA GLU B 40 31.17 -5.03 -9.64
C GLU B 40 30.73 -3.54 -9.82
N ILE B 41 29.40 -3.26 -9.95
CA ILE B 41 28.89 -1.89 -10.11
C ILE B 41 29.07 -1.09 -8.81
N THR B 42 28.57 -1.62 -7.69
CA THR B 42 28.57 -0.90 -6.40
C THR B 42 29.82 -1.03 -5.52
N GLY B 43 30.64 -2.07 -5.72
CA GLY B 43 31.82 -2.33 -4.90
C GLY B 43 31.51 -3.08 -3.61
N GLU B 44 30.22 -3.35 -3.33
CA GLU B 44 29.79 -4.05 -2.13
C GLU B 44 30.03 -5.54 -2.32
N THR B 45 30.53 -6.22 -1.28
CA THR B 45 30.77 -7.66 -1.36
C THR B 45 29.67 -8.37 -0.56
N PHE B 46 29.15 -9.47 -1.11
CA PHE B 46 28.08 -10.23 -0.46
C PHE B 46 28.48 -11.64 -0.20
N VAL B 47 27.97 -12.14 0.91
CA VAL B 47 28.10 -13.52 1.30
C VAL B 47 26.68 -14.09 1.08
N VAL B 48 26.58 -14.98 0.11
CA VAL B 48 25.33 -15.51 -0.40
C VAL B 48 25.06 -16.88 0.21
N ASP B 49 23.89 -17.01 0.84
CA ASP B 49 23.49 -18.26 1.46
C ASP B 49 23.36 -19.38 0.40
N PRO B 50 23.82 -20.62 0.71
CA PRO B 50 23.75 -21.70 -0.29
C PRO B 50 22.39 -21.94 -0.94
N ARG B 51 21.28 -21.63 -0.21
CA ARG B 51 19.91 -21.83 -0.70
C ARG B 51 19.42 -20.76 -1.71
N VAL B 52 20.18 -19.70 -1.91
CA VAL B 52 19.81 -18.69 -2.91
C VAL B 52 19.89 -19.30 -4.32
N LYS B 53 18.80 -19.21 -5.08
CA LYS B 53 18.76 -19.76 -6.44
C LYS B 53 17.67 -19.04 -7.26
N GLY B 54 17.68 -19.22 -8.57
CA GLY B 54 16.70 -18.61 -9.46
C GLY B 54 17.27 -17.95 -10.69
N GLN B 55 16.38 -17.72 -11.69
CA GLN B 55 16.69 -17.07 -12.96
C GLN B 55 16.05 -15.68 -12.93
N VAL B 56 16.80 -14.65 -13.35
CA VAL B 56 16.29 -13.28 -13.37
C VAL B 56 16.51 -12.60 -14.70
N SER B 57 15.59 -11.68 -15.01
CA SER B 57 15.68 -10.78 -16.14
C SER B 57 15.50 -9.38 -15.53
N VAL B 58 16.51 -8.51 -15.70
CA VAL B 58 16.57 -7.17 -15.11
C VAL B 58 16.91 -6.17 -16.23
N VAL B 59 16.02 -5.17 -16.44
CA VAL B 59 16.18 -4.17 -17.51
C VAL B 59 15.98 -2.76 -17.00
N SER B 60 16.89 -1.87 -17.34
CA SER B 60 16.75 -0.44 -17.12
C SER B 60 17.37 0.26 -18.32
N LYS B 61 16.53 0.90 -19.14
CA LYS B 61 16.96 1.71 -20.29
C LYS B 61 17.31 3.11 -19.75
N ALA B 62 16.71 3.49 -18.60
CA ALA B 62 17.02 4.72 -17.89
C ALA B 62 18.38 4.57 -17.22
N GLN B 63 19.15 5.66 -17.16
CA GLN B 63 20.46 5.69 -16.52
C GLN B 63 20.26 5.79 -15.00
N LEU B 64 20.91 4.90 -14.25
CA LEU B 64 20.78 4.85 -12.80
C LEU B 64 22.09 5.20 -12.12
N SER B 65 21.99 5.93 -11.00
CA SER B 65 23.12 6.29 -10.14
C SER B 65 23.48 5.06 -9.29
N LEU B 66 24.63 5.09 -8.62
CA LEU B 66 25.07 3.98 -7.78
C LEU B 66 24.01 3.61 -6.75
N SER B 67 23.44 4.62 -6.08
CA SER B 67 22.39 4.44 -5.07
C SER B 67 21.11 3.86 -5.70
N GLU B 68 20.77 4.27 -6.94
CA GLU B 68 19.60 3.74 -7.62
C GLU B 68 19.81 2.30 -8.11
N VAL B 69 21.04 1.92 -8.46
CA VAL B 69 21.36 0.53 -8.83
C VAL B 69 21.16 -0.35 -7.59
N TYR B 70 21.53 0.16 -6.40
CA TYR B 70 21.34 -0.56 -5.15
C TYR B 70 19.84 -0.74 -4.84
N GLN B 71 19.01 0.29 -5.10
CA GLN B 71 17.56 0.15 -4.93
C GLN B 71 17.00 -0.96 -5.88
N LEU B 72 17.47 -0.96 -7.13
CA LEU B 72 17.06 -1.98 -8.10
C LEU B 72 17.46 -3.39 -7.61
N PHE B 73 18.66 -3.52 -7.06
CA PHE B 73 19.15 -4.77 -6.47
C PHE B 73 18.22 -5.27 -5.37
N LEU B 74 17.79 -4.37 -4.45
CA LEU B 74 16.87 -4.74 -3.36
C LEU B 74 15.52 -5.19 -3.87
N SER B 75 15.03 -4.55 -4.94
CA SER B 75 13.77 -4.90 -5.60
C SER B 75 13.86 -6.28 -6.22
N VAL B 76 15.00 -6.60 -6.86
CA VAL B 76 15.20 -7.92 -7.47
C VAL B 76 15.27 -8.99 -6.38
N MET B 77 15.98 -8.72 -5.31
CA MET B 77 16.11 -9.69 -4.21
C MET B 77 14.71 -9.96 -3.62
N SER B 78 13.99 -8.89 -3.25
CA SER B 78 12.62 -8.98 -2.73
C SER B 78 11.70 -9.68 -3.70
N THR B 79 11.82 -9.44 -5.02
CA THR B 79 10.97 -10.11 -6.03
C THR B 79 11.09 -11.63 -5.94
N HIS B 80 12.31 -12.16 -5.69
CA HIS B 80 12.56 -13.59 -5.65
C HIS B 80 12.63 -14.19 -4.22
N GLY B 81 12.17 -13.44 -3.23
CA GLY B 81 12.10 -13.90 -1.85
C GLY B 81 13.39 -13.93 -1.07
N PHE B 82 14.31 -12.99 -1.33
CA PHE B 82 15.56 -12.88 -0.63
C PHE B 82 15.65 -11.55 0.09
N THR B 83 16.27 -11.58 1.27
CA THR B 83 16.49 -10.44 2.13
C THR B 83 17.98 -10.21 2.20
N VAL B 84 18.36 -8.95 2.38
CA VAL B 84 19.74 -8.54 2.51
C VAL B 84 19.91 -8.02 3.94
N VAL B 85 20.86 -8.59 4.71
CA VAL B 85 21.03 -8.24 6.12
C VAL B 85 22.44 -7.71 6.36
N ALA B 86 22.55 -6.51 6.96
CA ALA B 86 23.82 -5.84 7.29
C ALA B 86 24.72 -6.72 8.11
N GLN B 87 26.03 -6.79 7.78
CA GLN B 87 26.98 -7.65 8.49
C GLN B 87 28.38 -7.02 8.50
N GLY B 88 28.47 -5.83 9.10
CA GLY B 88 29.70 -5.07 9.21
C GLY B 88 30.05 -4.39 7.91
N ASP B 89 30.99 -4.96 7.16
CA ASP B 89 31.38 -4.43 5.85
C ASP B 89 30.49 -5.14 4.82
N GLN B 90 30.56 -6.50 4.78
CA GLN B 90 29.76 -7.29 3.84
C GLN B 90 28.29 -7.35 4.28
N ALA B 91 27.39 -7.75 3.35
CA ALA B 91 25.97 -7.95 3.62
C ALA B 91 25.61 -9.38 3.21
N ARG B 92 24.77 -10.00 4.01
CA ARG B 92 24.34 -11.38 3.84
C ARG B 92 23.07 -11.48 2.96
N ILE B 93 23.02 -12.34 1.87
CA ILE B 93 21.79 -12.49 1.07
C ILE B 93 21.21 -13.83 1.51
N VAL B 94 19.96 -13.82 2.01
CA VAL B 94 19.30 -15.00 2.59
C VAL B 94 17.83 -15.18 2.14
N PRO B 95 17.28 -16.41 2.09
CA PRO B 95 15.85 -16.53 1.78
C PRO B 95 14.98 -15.98 2.90
N ASN B 96 13.81 -15.45 2.53
CA ASN B 96 12.81 -14.98 3.52
C ASN B 96 12.19 -16.22 4.10
N ARG B 112 8.41 -17.27 -15.00
CA ARG B 112 9.57 -16.39 -15.17
C ARG B 112 9.14 -14.93 -14.99
N LEU B 113 9.83 -14.20 -14.10
CA LEU B 113 9.54 -12.79 -13.83
C LEU B 113 10.68 -11.91 -14.36
N GLU B 114 10.29 -10.78 -14.99
CA GLU B 114 11.23 -9.74 -15.42
C GLU B 114 11.04 -8.56 -14.47
N THR B 115 12.14 -7.90 -14.13
CA THR B 115 12.19 -6.72 -13.32
C THR B 115 12.55 -5.59 -14.29
N ARG B 116 11.64 -4.62 -14.40
CA ARG B 116 11.86 -3.51 -15.30
C ARG B 116 11.75 -2.16 -14.60
N VAL B 117 12.62 -1.20 -15.00
CA VAL B 117 12.62 0.17 -14.52
C VAL B 117 11.86 0.99 -15.54
N ILE B 118 10.81 1.68 -15.09
CA ILE B 118 9.98 2.47 -15.99
C ILE B 118 10.17 3.92 -15.59
N GLN B 119 10.64 4.75 -16.54
CA GLN B 119 10.85 6.18 -16.34
C GLN B 119 9.51 6.91 -16.48
N VAL B 120 9.15 7.78 -15.53
CA VAL B 120 7.92 8.59 -15.67
C VAL B 120 8.39 10.02 -15.96
N GLN B 121 7.83 10.65 -16.99
CA GLN B 121 8.30 11.95 -17.46
C GLN B 121 7.73 13.15 -16.70
N GLN B 122 6.42 13.18 -16.39
CA GLN B 122 5.76 14.35 -15.79
C GLN B 122 5.14 14.15 -14.41
N SER B 123 4.42 13.04 -14.20
CA SER B 123 3.79 12.75 -12.90
C SER B 123 4.85 12.43 -11.84
N PRO B 124 4.67 12.83 -10.55
CA PRO B 124 5.58 12.35 -9.52
C PRO B 124 5.33 10.84 -9.35
N VAL B 125 6.40 10.08 -9.30
CA VAL B 125 6.31 8.63 -9.29
C VAL B 125 5.56 8.13 -8.04
N SER B 126 5.77 8.77 -6.90
CA SER B 126 5.10 8.40 -5.64
C SER B 126 3.57 8.59 -5.76
N GLU B 127 3.11 9.48 -6.65
CA GLU B 127 1.67 9.64 -6.86
C GLU B 127 1.10 8.47 -7.73
N LEU B 128 1.88 7.98 -8.70
CA LEU B 128 1.42 6.91 -9.57
C LEU B 128 1.44 5.54 -8.91
N ILE B 129 2.35 5.31 -7.92
CA ILE B 129 2.47 4.01 -7.21
C ILE B 129 1.11 3.43 -6.78
N PRO B 130 0.32 4.15 -5.95
CA PRO B 130 -1.00 3.61 -5.54
C PRO B 130 -1.96 3.35 -6.70
N LEU B 131 -1.84 4.06 -7.79
CA LEU B 131 -2.72 3.88 -8.95
C LEU B 131 -2.32 2.65 -9.78
N ILE B 132 -1.01 2.30 -9.81
CA ILE B 132 -0.50 1.15 -10.56
C ILE B 132 -0.54 -0.13 -9.70
N ARG B 133 -0.39 -0.03 -8.36
CA ARG B 133 -0.38 -1.19 -7.46
C ARG B 133 -1.53 -2.19 -7.72
N PRO B 134 -2.79 -1.74 -7.99
CA PRO B 134 -3.86 -2.70 -8.32
C PRO B 134 -3.61 -3.65 -9.50
N LEU B 135 -2.87 -3.20 -10.47
CA LEU B 135 -2.54 -3.97 -11.65
C LEU B 135 -1.39 -4.94 -11.41
N VAL B 136 -0.68 -4.81 -10.30
CA VAL B 136 0.47 -5.68 -10.04
C VAL B 136 -0.04 -6.84 -9.20
N PRO B 137 0.09 -8.09 -9.69
CA PRO B 137 -0.37 -9.24 -8.89
C PRO B 137 0.48 -9.46 -7.65
N GLN B 138 -0.08 -10.22 -6.68
CA GLN B 138 0.57 -10.49 -5.39
C GLN B 138 1.91 -11.18 -5.55
N TYR B 139 2.09 -11.95 -6.63
CA TYR B 139 3.39 -12.58 -6.93
C TYR B 139 4.42 -11.58 -7.48
N GLY B 140 4.00 -10.38 -7.87
CA GLY B 140 4.87 -9.32 -8.42
C GLY B 140 5.48 -8.38 -7.40
N HIS B 141 6.08 -7.32 -7.90
CA HIS B 141 6.73 -6.30 -7.07
C HIS B 141 6.53 -4.94 -7.68
N LEU B 142 6.36 -3.94 -6.84
CA LEU B 142 6.23 -2.56 -7.30
C LEU B 142 6.92 -1.68 -6.28
N ALA B 143 7.88 -0.87 -6.72
CA ALA B 143 8.61 0.06 -5.85
C ALA B 143 8.90 1.36 -6.59
N ALA B 144 8.98 2.47 -5.84
CA ALA B 144 9.31 3.78 -6.39
C ALA B 144 10.81 4.04 -6.28
N VAL B 145 11.37 4.77 -7.24
CA VAL B 145 12.75 5.28 -7.24
C VAL B 145 12.59 6.80 -7.43
N PRO B 146 12.21 7.52 -6.34
CA PRO B 146 11.92 8.96 -6.50
C PRO B 146 13.03 9.86 -7.05
N SER B 147 14.31 9.52 -6.83
CA SER B 147 15.43 10.32 -7.32
C SER B 147 15.58 10.27 -8.85
N ALA B 148 15.12 9.18 -9.50
CA ALA B 148 15.13 9.02 -10.96
C ALA B 148 13.73 9.20 -11.55
N ASN B 149 12.73 9.47 -10.69
CA ASN B 149 11.29 9.53 -11.03
C ASN B 149 10.89 8.30 -11.85
N ALA B 150 11.29 7.14 -11.34
CA ALA B 150 11.06 5.86 -11.97
C ALA B 150 10.37 4.88 -11.05
N LEU B 151 9.74 3.88 -11.65
CA LEU B 151 9.03 2.80 -10.96
C LEU B 151 9.81 1.52 -11.26
N ILE B 152 9.88 0.61 -10.31
CA ILE B 152 10.45 -0.72 -10.53
C ILE B 152 9.28 -1.67 -10.45
N ILE B 153 9.10 -2.50 -11.46
CA ILE B 153 8.05 -3.50 -11.52
C ILE B 153 8.62 -4.85 -11.86
N SER B 154 8.11 -5.88 -11.16
CA SER B 154 8.40 -7.26 -11.47
C SER B 154 7.11 -7.99 -11.77
N ASP B 155 7.04 -8.57 -12.95
CA ASP B 155 5.86 -9.31 -13.38
C ASP B 155 6.28 -10.00 -14.66
N ARG B 156 5.38 -10.74 -15.26
CA ARG B 156 5.64 -11.38 -16.55
C ARG B 156 5.74 -10.26 -17.61
N SER B 157 6.69 -10.40 -18.55
CA SER B 157 6.94 -9.42 -19.63
C SER B 157 5.68 -8.86 -20.33
N ALA B 158 4.65 -9.69 -20.55
CA ALA B 158 3.43 -9.23 -21.20
C ALA B 158 2.57 -8.33 -20.28
N ASN B 159 2.51 -8.59 -18.95
CA ASN B 159 1.73 -7.70 -18.07
C ASN B 159 2.50 -6.38 -17.85
N ILE B 160 3.86 -6.39 -17.97
CA ILE B 160 4.63 -5.14 -17.81
C ILE B 160 4.32 -4.20 -18.97
N ALA B 161 4.34 -4.72 -20.20
CA ALA B 161 4.04 -3.94 -21.38
C ALA B 161 2.62 -3.28 -21.29
N ARG B 162 1.63 -4.03 -20.74
CA ARG B 162 0.28 -3.51 -20.53
C ARG B 162 0.29 -2.38 -19.49
N ILE B 163 1.06 -2.56 -18.39
CA ILE B 163 1.20 -1.54 -17.34
C ILE B 163 1.96 -0.32 -17.90
N GLU B 164 2.89 -0.53 -18.84
CA GLU B 164 3.60 0.58 -19.48
C GLU B 164 2.67 1.50 -20.22
N ASP B 165 1.68 0.95 -20.90
CA ASP B 165 0.69 1.77 -21.61
C ASP B 165 -0.18 2.56 -20.63
N VAL B 166 -0.50 2.01 -19.46
CA VAL B 166 -1.34 2.67 -18.44
C VAL B 166 -0.57 3.84 -17.87
N ILE B 167 0.73 3.63 -17.59
CA ILE B 167 1.61 4.68 -17.08
C ILE B 167 1.72 5.80 -18.12
N ARG B 168 1.94 5.45 -19.40
CA ARG B 168 2.05 6.45 -20.46
C ARG B 168 0.78 7.30 -20.56
N GLN B 169 -0.39 6.71 -20.39
CA GLN B 169 -1.64 7.47 -20.45
C GLN B 169 -1.79 8.36 -19.21
N LEU B 170 -1.41 7.85 -18.03
CA LEU B 170 -1.48 8.64 -16.78
C LEU B 170 -0.51 9.81 -16.71
N ASP B 171 0.70 9.64 -17.24
CA ASP B 171 1.79 10.60 -17.17
C ASP B 171 1.34 12.03 -17.56
N GLN B 172 1.40 12.94 -16.60
CA GLN B 172 0.97 14.34 -16.80
C GLN B 172 1.54 15.19 -15.69
N LYS B 173 1.63 16.49 -15.94
CA LYS B 173 2.24 17.42 -14.99
C LYS B 173 1.34 17.69 -13.77
N GLY B 174 0.04 17.82 -14.02
CA GLY B 174 -0.91 18.04 -12.94
C GLY B 174 -1.21 16.82 -12.10
N SER B 175 -1.72 17.06 -10.92
CA SER B 175 -2.08 16.00 -9.98
C SER B 175 -3.29 15.20 -10.47
N HIS B 176 -3.41 13.96 -10.04
CA HIS B 176 -4.52 13.09 -10.44
C HIS B 176 -5.59 13.04 -9.37
N ASP B 177 -6.65 13.82 -9.56
CA ASP B 177 -7.81 13.71 -8.71
C ASP B 177 -8.47 12.42 -9.22
N TYR B 178 -9.15 11.70 -8.35
CA TYR B 178 -9.83 10.48 -8.78
C TYR B 178 -10.96 10.10 -7.92
N SER B 179 -11.74 9.17 -8.42
CA SER B 179 -12.86 8.61 -7.73
C SER B 179 -12.73 7.11 -7.65
N VAL B 180 -13.16 6.53 -6.51
CA VAL B 180 -13.15 5.10 -6.26
C VAL B 180 -14.58 4.59 -6.13
N ILE B 181 -14.91 3.51 -6.85
CA ILE B 181 -16.22 2.87 -6.83
C ILE B 181 -16.03 1.42 -6.45
N ASN B 182 -16.55 1.02 -5.29
CA ASN B 182 -16.53 -0.36 -4.79
C ASN B 182 -17.75 -1.02 -5.37
N LEU B 183 -17.57 -1.90 -6.33
CA LEU B 183 -18.70 -2.51 -7.01
C LEU B 183 -19.39 -3.52 -6.10
N ARG B 184 -20.71 -3.58 -6.18
CA ARG B 184 -21.57 -4.47 -5.38
C ARG B 184 -22.15 -5.62 -6.17
N TYR B 185 -22.52 -5.38 -7.43
CA TYR B 185 -23.14 -6.37 -8.32
C TYR B 185 -22.25 -6.79 -9.48
N GLY B 186 -21.59 -5.84 -10.12
CA GLY B 186 -20.75 -6.10 -11.27
C GLY B 186 -19.36 -6.60 -10.92
N TRP B 187 -18.60 -6.96 -11.97
CA TRP B 187 -17.24 -7.43 -11.87
C TRP B 187 -16.33 -6.41 -12.54
N VAL B 188 -15.27 -5.99 -11.84
CA VAL B 188 -14.45 -4.88 -12.31
C VAL B 188 -13.78 -5.11 -13.65
N MET B 189 -13.29 -6.32 -13.96
CA MET B 189 -12.66 -6.46 -15.26
C MET B 189 -13.70 -6.33 -16.36
N ASP B 190 -14.95 -6.76 -16.11
CA ASP B 190 -16.02 -6.60 -17.09
C ASP B 190 -16.39 -5.15 -17.17
N ALA B 191 -16.58 -4.51 -16.00
CA ALA B 191 -16.97 -3.10 -15.96
C ALA B 191 -15.93 -2.23 -16.66
N ALA B 192 -14.64 -2.48 -16.41
CA ALA B 192 -13.56 -1.69 -17.04
C ALA B 192 -13.59 -1.84 -18.58
N GLU B 193 -13.75 -3.08 -19.09
CA GLU B 193 -13.87 -3.35 -20.53
C GLU B 193 -15.08 -2.67 -21.18
N VAL B 194 -16.24 -2.70 -20.55
CA VAL B 194 -17.43 -2.02 -21.06
C VAL B 194 -17.22 -0.49 -21.13
N LEU B 195 -16.64 0.08 -20.07
CA LEU B 195 -16.39 1.50 -20.01
C LEU B 195 -15.38 1.94 -21.04
N ASN B 196 -14.30 1.15 -21.23
CA ASN B 196 -13.28 1.44 -22.25
C ASN B 196 -13.84 1.30 -23.65
N ASN B 197 -14.61 0.23 -23.91
CA ASN B 197 -15.25 0.01 -25.20
C ASN B 197 -16.19 1.17 -25.52
N ALA B 198 -17.09 1.56 -24.60
CA ALA B 198 -17.99 2.68 -24.82
C ALA B 198 -17.25 4.00 -25.13
N MET B 199 -16.13 4.27 -24.42
CA MET B 199 -15.35 5.50 -24.70
C MET B 199 -14.68 5.42 -26.06
N SER B 200 -14.06 4.28 -26.41
CA SER B 200 -13.42 4.09 -27.73
C SER B 200 -14.42 4.11 -28.91
N ARG B 201 -15.66 3.60 -28.73
CA ARG B 201 -16.67 3.56 -29.79
C ARG B 201 -17.51 4.83 -29.89
N GLY B 202 -17.37 5.77 -28.95
CA GLY B 202 -18.13 7.01 -28.95
C GLY B 202 -19.50 6.93 -28.29
N GLN B 203 -19.78 5.85 -27.55
CA GLN B 203 -21.06 5.67 -26.85
C GLN B 203 -21.10 6.36 -25.47
N ALA B 204 -19.91 6.68 -24.92
CA ALA B 204 -19.81 7.37 -23.64
C ALA B 204 -19.58 8.86 -23.92
N LYS B 205 -20.64 9.53 -24.33
CA LYS B 205 -20.62 10.98 -24.62
C LYS B 205 -20.32 11.75 -23.34
N GLY B 206 -19.39 12.69 -23.39
CA GLY B 206 -19.01 13.45 -22.21
C GLY B 206 -17.85 12.87 -21.41
N ALA B 207 -17.54 11.57 -21.56
CA ALA B 207 -16.48 10.88 -20.80
C ALA B 207 -15.16 10.80 -21.51
N ALA B 208 -15.11 11.28 -22.77
CA ALA B 208 -13.88 11.21 -23.56
C ALA B 208 -12.73 11.87 -22.82
N GLY B 209 -11.64 11.15 -22.65
CA GLY B 209 -10.50 11.62 -21.88
C GLY B 209 -10.35 11.02 -20.51
N ALA B 210 -11.44 10.49 -19.93
CA ALA B 210 -11.38 9.86 -18.62
C ALA B 210 -10.71 8.50 -18.76
N GLN B 211 -10.19 7.99 -17.65
CA GLN B 211 -9.46 6.71 -17.62
C GLN B 211 -9.96 5.88 -16.45
N VAL B 212 -9.95 4.56 -16.61
CA VAL B 212 -10.39 3.63 -15.57
C VAL B 212 -9.31 2.58 -15.30
N ILE B 213 -9.05 2.34 -14.03
CA ILE B 213 -8.06 1.36 -13.57
C ILE B 213 -8.87 0.37 -12.73
N ALA B 214 -8.91 -0.90 -13.14
CA ALA B 214 -9.62 -1.95 -12.40
C ALA B 214 -8.72 -2.50 -11.31
N ASP B 215 -9.26 -2.58 -10.11
CA ASP B 215 -8.56 -3.08 -8.95
C ASP B 215 -9.33 -4.35 -8.54
N ALA B 216 -8.93 -5.49 -9.17
CA ALA B 216 -9.54 -6.82 -9.05
C ALA B 216 -9.49 -7.41 -7.65
N ARG B 217 -8.46 -7.09 -6.84
CA ARG B 217 -8.38 -7.60 -5.46
C ARG B 217 -9.54 -7.19 -4.57
N THR B 218 -10.06 -5.96 -4.72
CA THR B 218 -11.16 -5.46 -3.89
C THR B 218 -12.41 -5.15 -4.70
N ASN B 219 -12.45 -5.59 -5.96
CA ASN B 219 -13.57 -5.42 -6.86
C ASN B 219 -14.01 -3.95 -6.90
N ARG B 220 -13.06 -3.08 -7.19
CA ARG B 220 -13.32 -1.65 -7.29
C ARG B 220 -12.66 -0.98 -8.51
N LEU B 221 -13.24 0.12 -8.95
CA LEU B 221 -12.75 0.89 -10.08
C LEU B 221 -12.15 2.17 -9.57
N ILE B 222 -11.07 2.60 -10.21
CA ILE B 222 -10.43 3.88 -9.92
C ILE B 222 -10.63 4.67 -11.23
N ILE B 223 -11.36 5.80 -11.15
CA ILE B 223 -11.74 6.68 -12.28
C ILE B 223 -10.96 8.02 -12.24
N LEU B 224 -10.17 8.28 -13.28
CA LEU B 224 -9.28 9.43 -13.42
C LEU B 224 -9.73 10.27 -14.59
N GLY B 225 -9.11 11.45 -14.73
CA GLY B 225 -9.25 12.29 -15.93
C GLY B 225 -9.50 13.74 -15.61
N PRO B 226 -9.69 14.57 -16.65
CA PRO B 226 -10.06 15.97 -16.40
C PRO B 226 -11.45 16.04 -15.74
N PRO B 227 -11.75 17.12 -14.98
CA PRO B 227 -12.96 17.11 -14.14
C PRO B 227 -14.29 16.69 -14.75
N GLN B 228 -14.65 17.28 -15.89
CA GLN B 228 -15.96 17.02 -16.50
C GLN B 228 -16.03 15.61 -17.02
N ALA B 229 -15.00 15.18 -17.74
CA ALA B 229 -14.94 13.83 -18.27
C ALA B 229 -14.98 12.81 -17.14
N ARG B 230 -14.16 12.99 -16.08
CA ARG B 230 -14.11 12.11 -14.91
C ARG B 230 -15.47 12.01 -14.20
N ALA B 231 -16.11 13.15 -13.95
CA ALA B 231 -17.42 13.15 -13.27
C ALA B 231 -18.47 12.37 -14.09
N LYS B 232 -18.40 12.45 -15.44
CA LYS B 232 -19.33 11.71 -16.30
C LYS B 232 -19.03 10.22 -16.25
N LEU B 233 -17.75 9.83 -16.30
CA LEU B 233 -17.42 8.40 -16.29
C LEU B 233 -17.81 7.75 -14.94
N VAL B 234 -17.76 8.50 -13.84
CA VAL B 234 -18.22 8.01 -12.51
C VAL B 234 -19.72 7.69 -12.62
N GLN B 235 -20.52 8.58 -13.23
CA GLN B 235 -21.97 8.36 -13.40
C GLN B 235 -22.23 7.13 -14.26
N LEU B 236 -21.49 6.93 -15.37
CA LEU B 236 -21.65 5.75 -16.22
C LEU B 236 -21.25 4.51 -15.46
N ALA B 237 -20.15 4.55 -14.73
CA ALA B 237 -19.72 3.38 -13.95
C ALA B 237 -20.79 3.03 -12.92
N GLN B 238 -21.32 4.06 -12.20
CA GLN B 238 -22.39 3.87 -11.18
C GLN B 238 -23.67 3.25 -11.83
N SER B 239 -24.03 3.67 -13.07
CA SER B 239 -25.20 3.13 -13.82
C SER B 239 -25.03 1.64 -14.14
N LEU B 240 -23.77 1.22 -14.31
CA LEU B 240 -23.43 -0.16 -14.65
C LEU B 240 -23.55 -1.12 -13.46
N ASP B 241 -23.43 -0.63 -12.23
CA ASP B 241 -23.50 -1.44 -11.02
C ASP B 241 -24.87 -1.29 -10.35
N THR B 242 -25.95 -1.40 -11.11
CA THR B 242 -27.32 -1.38 -10.60
C THR B 242 -27.91 -2.78 -10.78
MG MG C . 29.15 -14.30 -6.41
#